data_6R3K
#
_entry.id   6R3K
#
_cell.length_a   40.527
_cell.length_b   84.609
_cell.length_c   164.116
_cell.angle_alpha   90.00
_cell.angle_beta   90.00
_cell.angle_gamma   90.00
#
_symmetry.space_group_name_H-M   'P 21 21 21'
#
loop_
_entity.id
_entity.type
_entity.pdbx_description
1 polymer 'Programmed cell death 1 ligand 1'
2 non-polymer 1,2-ETHANEDIOL
3 non-polymer '(2~{S},4~{R})-1-[[5-chloranyl-2-[(3-cyanophenyl)methoxy]-4-[[3-(2,3-dihydro-1,4-benzodioxin-6-yl)-2-methyl-phenyl]methoxy]phenyl]methyl]-4-oxidanyl-pyrrolidine-2-carboxylic acid'
4 water water
#
_entity_poly.entity_id   1
_entity_poly.type   'polypeptide(L)'
_entity_poly.pdbx_seq_one_letter_code
;AFTVTVPKDLYVVEYGSNMTIECKFPVEKQLDLAALIVYWEMEDKNIIQFVHGEEDLKVQHSSYRQRARLLKDQLSLGNA
ALQITDVKLQDAGVYRCMISYGGADYKRITVKVNAPYAAALEHHHHHH
;
_entity_poly.pdbx_strand_id   A,B,C,D
#
loop_
_chem_comp.id
_chem_comp.type
_chem_comp.name
_chem_comp.formula
EDO non-polymer 1,2-ETHANEDIOL 'C2 H6 O2'
JQT non-polymer '(2~{S},4~{R})-1-[[5-chloranyl-2-[(3-cyanophenyl)methoxy]-4-[[3-(2,3-dihydro-1,4-benzodioxin-6-yl)-2-methyl-phenyl]methoxy]phenyl]methyl]-4-oxidanyl-pyrrolidine-2-carboxylic acid' 'C36 H33 Cl N2 O7'
#
# COMPACT_ATOMS: atom_id res chain seq x y z
N ALA A 1 11.08 31.47 -8.59
CA ALA A 1 11.23 30.53 -7.50
C ALA A 1 12.31 29.51 -7.79
N PHE A 2 12.95 28.98 -6.77
CA PHE A 2 13.95 27.99 -6.97
C PHE A 2 13.22 26.75 -7.42
N THR A 3 13.60 26.20 -8.55
CA THR A 3 12.95 25.01 -9.06
C THR A 3 13.90 23.89 -9.43
N VAL A 4 13.61 22.70 -8.95
CA VAL A 4 14.37 21.52 -9.31
C VAL A 4 13.61 20.86 -10.45
N THR A 5 14.34 20.40 -11.43
CA THR A 5 13.75 19.76 -12.56
C THR A 5 14.38 18.40 -12.79
N VAL A 6 13.59 17.53 -13.40
CA VAL A 6 13.99 16.22 -13.65
C VAL A 6 13.72 15.89 -15.11
N PRO A 7 14.77 15.65 -15.90
CA PRO A 7 14.62 15.31 -17.32
C PRO A 7 13.90 14.01 -17.52
N LYS A 8 14.13 13.05 -16.66
CA LYS A 8 13.45 11.76 -16.67
C LYS A 8 12.89 11.43 -15.31
N ASP A 9 11.58 11.32 -15.20
CA ASP A 9 11.03 10.93 -13.93
C ASP A 9 10.84 9.43 -13.79
N LEU A 10 11.17 8.70 -14.83
CA LEU A 10 11.07 7.25 -14.85
C LEU A 10 12.32 6.56 -15.34
N TYR A 11 12.80 5.58 -14.60
CA TYR A 11 13.95 4.79 -15.02
C TYR A 11 13.66 3.29 -14.98
N VAL A 12 14.01 2.59 -16.03
CA VAL A 12 13.86 1.16 -16.06
C VAL A 12 15.28 0.58 -16.03
N VAL A 13 15.57 -0.19 -15.01
CA VAL A 13 16.87 -0.76 -14.76
C VAL A 13 16.89 -2.28 -14.67
N GLU A 14 17.90 -2.90 -15.25
CA GLU A 14 18.03 -4.35 -15.17
C GLU A 14 18.73 -4.74 -13.90
N TYR A 15 18.29 -5.83 -13.29
CA TYR A 15 18.87 -6.31 -12.06
C TYR A 15 20.34 -6.57 -12.28
N GLY A 16 21.14 -6.10 -11.34
CA GLY A 16 22.56 -6.26 -11.36
C GLY A 16 23.31 -5.15 -12.03
N SER A 17 22.62 -4.31 -12.77
CA SER A 17 23.22 -3.17 -13.44
C SER A 17 23.39 -1.99 -12.51
N ASN A 18 23.85 -0.90 -13.08
CA ASN A 18 24.05 0.33 -12.34
C ASN A 18 23.22 1.40 -12.97
N MET A 19 22.82 2.37 -12.18
CA MET A 19 22.03 3.47 -12.69
C MET A 19 22.46 4.85 -12.22
N THR A 20 22.24 5.84 -13.02
CA THR A 20 22.46 7.20 -12.59
C THR A 20 21.15 7.97 -12.76
N ILE A 21 20.64 8.53 -11.67
CA ILE A 21 19.41 9.28 -11.72
C ILE A 21 19.70 10.74 -11.43
N GLU A 22 19.03 11.62 -12.13
CA GLU A 22 19.36 13.02 -12.07
C GLU A 22 18.30 14.03 -11.73
N CYS A 23 18.72 15.00 -10.96
CA CYS A 23 17.92 16.15 -10.60
C CYS A 23 18.70 17.41 -10.92
N LYS A 24 18.10 18.30 -11.69
CA LYS A 24 18.72 19.54 -12.08
C LYS A 24 18.29 20.71 -11.24
N PHE A 25 19.20 21.60 -10.97
CA PHE A 25 18.96 22.78 -10.20
C PHE A 25 19.70 23.98 -10.77
N PRO A 26 19.14 25.16 -10.65
CA PRO A 26 19.77 26.33 -11.24
C PRO A 26 21.00 26.86 -10.55
N VAL A 27 22.04 27.04 -11.31
CA VAL A 27 23.27 27.63 -10.83
C VAL A 27 23.61 28.80 -11.74
N GLU A 28 23.76 29.99 -11.22
CA GLU A 28 23.96 31.14 -12.07
C GLU A 28 25.42 31.38 -12.41
N LYS A 29 26.12 32.32 -11.81
CA LYS A 29 27.47 32.49 -12.28
C LYS A 29 28.39 31.31 -12.05
N GLN A 30 28.63 30.95 -10.81
CA GLN A 30 29.46 29.82 -10.44
C GLN A 30 28.91 29.20 -9.17
N LEU A 31 29.04 27.89 -9.03
CA LEU A 31 28.53 27.24 -7.85
C LEU A 31 29.26 27.55 -6.57
N ASP A 32 28.50 27.84 -5.53
CA ASP A 32 29.05 28.02 -4.22
C ASP A 32 28.68 26.79 -3.43
N LEU A 33 29.64 25.89 -3.27
CA LEU A 33 29.50 24.61 -2.58
C LEU A 33 29.08 24.75 -1.17
N ALA A 34 29.58 25.78 -0.51
CA ALA A 34 29.31 26.09 0.87
C ALA A 34 27.85 26.39 1.15
N ALA A 35 27.13 26.86 0.15
CA ALA A 35 25.72 27.16 0.29
C ALA A 35 24.83 26.03 -0.20
N LEU A 36 25.40 24.96 -0.71
CA LEU A 36 24.61 23.87 -1.25
C LEU A 36 24.35 22.67 -0.36
N ILE A 37 23.12 22.21 -0.35
CA ILE A 37 22.74 21.01 0.35
C ILE A 37 22.00 20.08 -0.57
N VAL A 38 22.44 18.85 -0.68
CA VAL A 38 21.76 17.87 -1.48
C VAL A 38 21.45 16.63 -0.66
N TYR A 39 20.21 16.21 -0.71
CA TYR A 39 19.73 15.05 0.01
C TYR A 39 18.90 14.08 -0.85
N TRP A 40 19.28 12.83 -0.86
CA TRP A 40 18.56 11.81 -1.59
C TRP A 40 18.07 10.72 -0.66
N GLU A 41 16.85 10.29 -0.87
CA GLU A 41 16.24 9.21 -0.12
C GLU A 41 15.28 8.39 -0.96
N MET A 42 15.01 7.19 -0.49
CA MET A 42 14.03 6.32 -1.08
C MET A 42 13.20 5.77 0.07
N GLU A 43 11.92 6.09 0.11
CA GLU A 43 11.05 5.63 1.19
C GLU A 43 11.56 5.80 2.62
N ASP A 44 11.99 6.99 2.92
CA ASP A 44 12.48 7.37 4.24
C ASP A 44 13.89 6.88 4.61
N LYS A 45 14.54 6.15 3.72
CA LYS A 45 15.88 5.71 3.93
C LYS A 45 16.89 6.67 3.28
N ASN A 46 17.80 7.23 4.07
CA ASN A 46 18.83 8.15 3.62
C ASN A 46 19.78 7.48 2.63
N ILE A 47 20.04 8.14 1.54
CA ILE A 47 21.00 7.61 0.60
C ILE A 47 22.21 8.51 0.46
N ILE A 48 21.99 9.78 0.24
CA ILE A 48 23.05 10.74 0.06
C ILE A 48 22.76 11.93 0.91
N GLN A 49 23.77 12.44 1.58
CA GLN A 49 23.65 13.63 2.35
C GLN A 49 24.87 14.45 2.02
N PHE A 50 24.73 15.50 1.24
CA PHE A 50 25.84 16.36 0.93
C PHE A 50 25.56 17.71 1.52
N VAL A 51 26.35 18.11 2.50
CA VAL A 51 26.12 19.38 3.14
C VAL A 51 27.29 20.34 3.18
N HIS A 52 27.10 21.48 2.55
CA HIS A 52 28.05 22.55 2.56
C HIS A 52 29.47 22.07 2.25
N GLY A 53 29.65 21.41 1.13
CA GLY A 53 30.92 20.90 0.71
C GLY A 53 31.29 19.49 1.08
N GLU A 54 30.60 18.90 2.06
CA GLU A 54 30.94 17.56 2.49
C GLU A 54 29.81 16.55 2.60
N GLU A 55 30.12 15.31 2.28
CA GLU A 55 29.13 14.29 2.38
C GLU A 55 29.30 13.49 3.61
N ASP A 56 28.20 13.16 4.27
CA ASP A 56 28.25 12.28 5.37
C ASP A 56 27.97 10.97 4.71
N LEU A 57 29.03 10.31 4.28
CA LEU A 57 28.98 9.02 3.61
C LEU A 57 28.49 7.83 4.42
N LYS A 58 28.97 7.73 5.67
CA LYS A 58 28.71 6.56 6.55
C LYS A 58 27.26 6.46 7.08
N VAL A 59 26.47 7.52 6.96
CA VAL A 59 25.06 7.57 7.44
C VAL A 59 24.10 6.95 6.42
N GLN A 60 24.57 6.72 5.22
CA GLN A 60 23.82 6.13 4.17
C GLN A 60 23.25 4.89 4.79
N HIS A 61 21.99 4.59 4.50
CA HIS A 61 21.29 3.45 5.05
C HIS A 61 22.06 2.21 4.65
N SER A 62 22.01 1.19 5.50
CA SER A 62 22.82 -0.02 5.32
C SER A 62 22.60 -0.69 4.03
N SER A 63 21.39 -0.66 3.53
CA SER A 63 21.08 -1.29 2.27
C SER A 63 21.80 -0.64 1.09
N TYR A 64 22.18 0.61 1.24
CA TYR A 64 22.90 1.30 0.18
C TYR A 64 24.39 1.52 0.46
N ARG A 65 24.86 1.19 1.66
CA ARG A 65 26.27 1.42 2.02
C ARG A 65 27.17 0.75 1.02
N GLN A 66 28.09 1.56 0.51
CA GLN A 66 29.11 1.19 -0.48
C GLN A 66 28.52 0.94 -1.85
N ARG A 67 27.26 1.31 -2.03
CA ARG A 67 26.59 1.12 -3.30
C ARG A 67 26.18 2.38 -4.06
N ALA A 68 26.09 3.49 -3.35
CA ALA A 68 25.65 4.70 -4.00
C ALA A 68 26.49 5.89 -3.68
N ARG A 69 26.59 6.77 -4.65
CA ARG A 69 27.34 8.00 -4.53
C ARG A 69 26.84 9.12 -5.42
N LEU A 70 27.16 10.32 -5.02
CA LEU A 70 26.83 11.50 -5.74
C LEU A 70 27.99 11.87 -6.60
N LEU A 71 27.76 12.14 -7.87
CA LEU A 71 28.86 12.51 -8.73
C LEU A 71 29.12 13.99 -8.51
N LYS A 72 30.14 14.25 -7.74
CA LYS A 72 30.49 15.59 -7.31
C LYS A 72 30.83 16.57 -8.43
N ASP A 73 31.45 16.12 -9.49
CA ASP A 73 31.79 16.97 -10.62
C ASP A 73 30.54 17.54 -11.27
N GLN A 74 29.46 16.78 -11.29
CA GLN A 74 28.20 17.18 -11.84
C GLN A 74 27.54 18.35 -11.14
N LEU A 75 27.81 18.53 -9.85
CA LEU A 75 27.20 19.60 -9.08
C LEU A 75 27.49 20.97 -9.62
N SER A 76 28.70 21.20 -10.13
CA SER A 76 29.11 22.48 -10.71
C SER A 76 28.33 22.79 -11.97
N LEU A 77 27.80 21.77 -12.60
CA LEU A 77 26.96 21.91 -13.76
C LEU A 77 25.49 22.05 -13.36
N GLY A 78 25.19 22.08 -12.08
CA GLY A 78 23.82 22.14 -11.63
C GLY A 78 23.07 20.83 -11.76
N ASN A 79 23.79 19.74 -11.69
CA ASN A 79 23.21 18.43 -11.78
C ASN A 79 23.57 17.60 -10.58
N ALA A 80 22.57 17.22 -9.82
CA ALA A 80 22.74 16.35 -8.70
C ALA A 80 22.47 14.95 -9.23
N ALA A 81 23.54 14.22 -9.46
CA ALA A 81 23.44 12.89 -10.01
C ALA A 81 23.77 11.77 -9.04
N LEU A 82 22.82 10.88 -8.81
CA LEU A 82 22.99 9.78 -7.93
C LEU A 82 23.24 8.50 -8.69
N GLN A 83 24.39 7.91 -8.45
CA GLN A 83 24.76 6.67 -9.09
C GLN A 83 24.66 5.55 -8.10
N ILE A 84 23.92 4.53 -8.46
CA ILE A 84 23.77 3.38 -7.62
C ILE A 84 24.25 2.22 -8.43
N THR A 85 25.10 1.40 -7.83
CA THR A 85 25.67 0.27 -8.55
C THR A 85 25.13 -1.04 -8.08
N ASP A 86 25.15 -2.04 -8.94
CA ASP A 86 24.64 -3.36 -8.60
C ASP A 86 23.21 -3.32 -8.08
N VAL A 87 22.33 -2.82 -8.94
CA VAL A 87 20.93 -2.61 -8.60
C VAL A 87 20.24 -3.90 -8.25
N LYS A 88 19.47 -3.85 -7.20
CA LYS A 88 18.70 -4.94 -6.69
C LYS A 88 17.23 -4.63 -6.82
N LEU A 89 16.40 -5.62 -6.60
CA LEU A 89 14.96 -5.53 -6.67
C LEU A 89 14.44 -4.58 -5.64
N GLN A 90 15.08 -4.60 -4.49
CA GLN A 90 14.76 -3.76 -3.35
C GLN A 90 14.95 -2.29 -3.66
N ASP A 91 15.75 -2.01 -4.67
CA ASP A 91 16.02 -0.67 -5.12
C ASP A 91 14.87 -0.01 -5.88
N ALA A 92 13.88 -0.78 -6.30
CA ALA A 92 12.75 -0.25 -7.01
C ALA A 92 11.91 0.62 -6.08
N GLY A 93 11.39 1.71 -6.60
CA GLY A 93 10.57 2.61 -5.83
C GLY A 93 10.66 4.08 -6.17
N VAL A 94 10.21 4.91 -5.26
CA VAL A 94 10.20 6.34 -5.46
C VAL A 94 11.34 7.04 -4.75
N TYR A 95 12.20 7.65 -5.52
CA TYR A 95 13.32 8.40 -5.01
C TYR A 95 12.98 9.88 -4.94
N ARG A 96 13.50 10.53 -3.92
CA ARG A 96 13.35 11.94 -3.74
C ARG A 96 14.68 12.67 -3.63
N CYS A 97 14.83 13.71 -4.42
CA CYS A 97 15.98 14.56 -4.35
C CYS A 97 15.58 15.89 -3.71
N MET A 98 16.15 16.20 -2.58
CA MET A 98 15.89 17.43 -1.88
C MET A 98 17.12 18.31 -1.97
N ILE A 99 16.92 19.50 -2.50
CA ILE A 99 17.97 20.45 -2.71
C ILE A 99 17.73 21.83 -2.14
N SER A 100 18.71 22.33 -1.39
CA SER A 100 18.68 23.68 -0.88
C SER A 100 19.87 24.44 -1.46
N TYR A 101 19.57 25.50 -2.19
CA TYR A 101 20.55 26.35 -2.79
C TYR A 101 19.95 27.73 -3.04
N GLY A 102 19.96 28.59 -2.05
CA GLY A 102 19.35 29.91 -2.15
C GLY A 102 17.86 29.77 -2.49
N GLY A 103 17.23 28.85 -1.80
CA GLY A 103 15.86 28.44 -2.03
C GLY A 103 15.83 26.92 -1.91
N ALA A 104 14.66 26.34 -1.84
CA ALA A 104 14.57 24.90 -1.71
C ALA A 104 13.44 24.26 -2.50
N ASP A 105 13.67 23.04 -2.95
CA ASP A 105 12.73 22.26 -3.72
C ASP A 105 13.13 20.77 -3.69
N TYR A 106 12.23 19.94 -4.16
CA TYR A 106 12.45 18.55 -4.26
C TYR A 106 11.64 17.95 -5.38
N LYS A 107 12.12 16.85 -5.92
CA LYS A 107 11.43 16.14 -6.95
C LYS A 107 11.45 14.65 -6.75
N ARG A 108 10.54 13.96 -7.41
CA ARG A 108 10.42 12.53 -7.35
C ARG A 108 10.82 11.81 -8.63
N ILE A 109 11.50 10.70 -8.48
CA ILE A 109 11.90 9.87 -9.58
C ILE A 109 11.46 8.42 -9.29
N THR A 110 10.87 7.78 -10.26
CA THR A 110 10.43 6.43 -10.10
C THR A 110 11.36 5.47 -10.78
N VAL A 111 11.80 4.48 -10.05
CA VAL A 111 12.68 3.46 -10.56
C VAL A 111 11.98 2.11 -10.61
N LYS A 112 12.08 1.46 -11.75
CA LYS A 112 11.56 0.14 -11.96
C LYS A 112 12.70 -0.85 -12.22
N VAL A 113 12.70 -1.97 -11.53
CA VAL A 113 13.73 -2.95 -11.71
C VAL A 113 13.21 -4.24 -12.34
N ASN A 114 13.75 -4.60 -13.49
CA ASN A 114 13.42 -5.83 -14.16
C ASN A 114 14.37 -6.88 -13.64
N ALA A 115 13.91 -8.10 -13.44
CA ALA A 115 14.80 -9.14 -13.01
C ALA A 115 14.36 -10.50 -13.47
N PRO A 116 15.30 -11.41 -13.72
CA PRO A 116 15.06 -12.79 -14.12
C PRO A 116 14.52 -13.61 -12.97
N TYR A 117 14.03 -14.80 -13.23
CA TYR A 117 13.42 -15.61 -12.20
C TYR A 117 14.32 -15.90 -11.03
N ALA A 118 15.59 -16.16 -11.25
CA ALA A 118 16.47 -16.50 -10.14
C ALA A 118 16.53 -15.38 -9.10
N ALA A 119 16.76 -14.15 -9.55
CA ALA A 119 16.79 -13.01 -8.64
C ALA A 119 15.44 -12.81 -7.95
N ALA A 120 14.37 -12.91 -8.72
CA ALA A 120 13.02 -12.74 -8.24
C ALA A 120 12.65 -13.73 -7.17
N LEU A 121 13.04 -14.97 -7.35
CA LEU A 121 12.79 -16.01 -6.38
C LEU A 121 13.47 -15.71 -5.05
N GLU A 122 14.71 -15.27 -5.11
CA GLU A 122 15.44 -14.91 -3.93
C GLU A 122 14.79 -13.75 -3.21
N HIS A 123 14.40 -12.73 -3.95
CA HIS A 123 13.74 -11.58 -3.41
C HIS A 123 12.40 -11.98 -2.77
N HIS A 124 11.66 -12.82 -3.44
CA HIS A 124 10.37 -13.30 -2.99
C HIS A 124 10.44 -13.99 -1.66
N HIS A 125 11.37 -14.92 -1.50
CA HIS A 125 11.51 -15.74 -0.32
C HIS A 125 12.41 -15.24 0.77
N HIS A 126 13.45 -14.56 0.39
CA HIS A 126 14.40 -14.10 1.35
C HIS A 126 14.58 -12.58 1.30
N ALA B 1 24.89 20.60 13.19
CA ALA B 1 24.03 20.37 12.03
C ALA B 1 22.60 20.76 12.37
N PHE B 2 21.97 21.45 11.43
CA PHE B 2 20.64 21.96 11.60
C PHE B 2 19.73 20.79 11.82
N THR B 3 18.97 20.86 12.89
CA THR B 3 18.04 19.80 13.20
C THR B 3 16.65 20.30 13.52
N VAL B 4 15.68 19.68 12.91
CA VAL B 4 14.29 19.95 13.14
C VAL B 4 13.86 18.84 14.09
N THR B 5 13.08 19.21 15.08
CA THR B 5 12.62 18.26 16.05
C THR B 5 11.12 18.28 16.20
N VAL B 6 10.57 17.14 16.46
CA VAL B 6 9.17 17.03 16.71
C VAL B 6 8.99 16.42 18.09
N PRO B 7 8.50 17.19 19.04
CA PRO B 7 8.28 16.61 20.38
C PRO B 7 7.26 15.50 20.28
N LYS B 8 6.25 15.71 19.45
CA LYS B 8 5.19 14.77 19.22
C LYS B 8 5.12 14.21 17.78
N ASP B 9 5.48 12.96 17.71
CA ASP B 9 5.47 12.05 16.58
C ASP B 9 4.10 11.64 16.05
N LEU B 10 3.14 11.53 16.94
CA LEU B 10 1.82 11.04 16.64
C LEU B 10 0.69 11.86 17.18
N TYR B 11 -0.32 12.07 16.35
CA TYR B 11 -1.50 12.77 16.75
C TYR B 11 -2.71 11.90 16.50
N VAL B 12 -3.59 11.82 17.47
CA VAL B 12 -4.80 11.08 17.29
C VAL B 12 -5.90 12.12 17.43
N VAL B 13 -6.62 12.34 16.35
CA VAL B 13 -7.67 13.35 16.33
C VAL B 13 -9.03 12.89 15.85
N GLU B 14 -10.06 13.48 16.43
CA GLU B 14 -11.42 13.18 16.09
C GLU B 14 -11.88 13.93 14.86
N TYR B 15 -12.69 13.24 14.08
CA TYR B 15 -13.27 13.78 12.88
C TYR B 15 -14.09 14.99 13.28
N GLY B 16 -13.92 16.06 12.53
CA GLY B 16 -14.59 17.33 12.70
C GLY B 16 -13.91 18.30 13.62
N SER B 17 -12.93 17.81 14.33
CA SER B 17 -12.16 18.58 15.25
C SER B 17 -11.04 19.32 14.58
N ASN B 18 -10.22 19.95 15.39
CA ASN B 18 -9.08 20.71 14.94
C ASN B 18 -7.81 20.12 15.49
N MET B 19 -6.70 20.33 14.81
CA MET B 19 -5.39 19.92 15.29
C MET B 19 -4.28 20.89 14.94
N THR B 20 -3.26 20.94 15.76
CA THR B 20 -2.13 21.77 15.46
C THR B 20 -0.91 20.88 15.58
N ILE B 21 -0.16 20.72 14.51
CA ILE B 21 0.99 19.85 14.53
C ILE B 21 2.27 20.67 14.46
N GLU B 22 3.23 20.35 15.28
CA GLU B 22 4.43 21.15 15.40
C GLU B 22 5.79 20.57 15.11
N CYS B 23 6.61 21.37 14.47
CA CYS B 23 7.99 21.07 14.16
C CYS B 23 8.80 22.23 14.73
N LYS B 24 9.85 21.91 15.44
CA LYS B 24 10.70 22.90 16.07
C LYS B 24 12.02 23.04 15.36
N PHE B 25 12.49 24.26 15.23
CA PHE B 25 13.75 24.55 14.59
C PHE B 25 14.42 25.66 15.37
N PRO B 26 15.73 25.66 15.44
CA PRO B 26 16.42 26.68 16.22
C PRO B 26 16.54 28.10 15.66
N VAL B 27 16.17 29.08 16.45
CA VAL B 27 16.31 30.46 16.06
C VAL B 27 17.19 31.09 17.15
N GLU B 28 18.37 31.55 16.77
CA GLU B 28 19.31 32.06 17.75
C GLU B 28 18.98 33.29 18.57
N LYS B 29 18.61 34.38 17.94
CA LYS B 29 18.27 35.59 18.68
C LYS B 29 17.00 36.17 18.11
N GLN B 30 17.05 36.64 16.88
CA GLN B 30 15.88 37.18 16.22
C GLN B 30 15.74 36.46 14.90
N LEU B 31 14.50 36.12 14.54
CA LEU B 31 14.26 35.39 13.32
C LEU B 31 14.58 36.20 12.08
N ASP B 32 15.39 35.63 11.22
CA ASP B 32 15.71 36.24 9.95
C ASP B 32 14.70 35.67 9.01
N LEU B 33 13.57 36.33 8.87
CA LEU B 33 12.46 35.86 8.05
C LEU B 33 12.82 35.59 6.61
N ALA B 34 13.73 36.37 6.07
CA ALA B 34 14.14 36.24 4.69
C ALA B 34 14.80 34.92 4.39
N ALA B 35 15.51 34.35 5.35
CA ALA B 35 16.20 33.07 5.12
C ALA B 35 15.35 31.85 5.33
N LEU B 36 14.19 32.04 5.92
CA LEU B 36 13.35 30.93 6.28
C LEU B 36 12.40 30.39 5.24
N ILE B 37 12.39 29.10 5.06
CA ILE B 37 11.45 28.43 4.21
C ILE B 37 10.79 27.34 5.02
N VAL B 38 9.49 27.32 5.05
CA VAL B 38 8.76 26.28 5.73
C VAL B 38 7.82 25.66 4.73
N TYR B 39 7.92 24.37 4.54
CA TYR B 39 7.08 23.63 3.65
C TYR B 39 6.43 22.45 4.35
N TRP B 40 5.13 22.31 4.20
CA TRP B 40 4.41 21.21 4.78
C TRP B 40 3.67 20.43 3.69
N GLU B 41 3.77 19.11 3.72
CA GLU B 41 3.11 18.24 2.78
C GLU B 41 2.58 16.96 3.41
N MET B 42 1.63 16.32 2.78
CA MET B 42 1.20 15.00 3.18
C MET B 42 1.00 14.25 1.85
N GLU B 43 1.75 13.17 1.64
CA GLU B 43 1.65 12.40 0.42
C GLU B 43 1.81 13.21 -0.86
N ASP B 44 2.77 14.10 -0.85
CA ASP B 44 3.09 14.94 -1.98
C ASP B 44 2.15 16.13 -2.24
N LYS B 45 1.08 16.25 -1.47
CA LYS B 45 0.17 17.39 -1.58
C LYS B 45 0.71 18.57 -0.80
N ASN B 46 0.83 19.70 -1.45
CA ASN B 46 1.33 20.88 -0.84
C ASN B 46 0.28 21.40 0.13
N ILE B 47 0.68 21.62 1.36
CA ILE B 47 -0.19 22.18 2.37
C ILE B 47 0.25 23.59 2.70
N ILE B 48 1.51 23.80 2.92
CA ILE B 48 2.01 25.10 3.25
C ILE B 48 3.32 25.39 2.55
N GLN B 49 3.49 26.60 2.06
CA GLN B 49 4.72 26.99 1.43
C GLN B 49 5.02 28.39 1.91
N PHE B 50 5.81 28.49 2.95
CA PHE B 50 6.15 29.77 3.49
C PHE B 50 7.53 30.10 3.03
N VAL B 51 7.59 31.05 2.11
CA VAL B 51 8.83 31.50 1.52
C VAL B 51 8.78 33.01 1.54
N HIS B 52 9.93 33.61 1.74
CA HIS B 52 10.08 35.05 1.72
C HIS B 52 9.26 35.72 2.78
N GLY B 53 8.94 35.00 3.83
CA GLY B 53 8.12 35.59 4.84
C GLY B 53 6.66 35.62 4.44
N GLU B 54 6.30 35.07 3.30
CA GLU B 54 4.88 35.03 2.93
C GLU B 54 4.36 33.68 2.41
N GLU B 55 3.17 33.32 2.87
CA GLU B 55 2.46 32.12 2.48
C GLU B 55 2.10 32.23 0.99
N ASP B 56 2.09 31.10 0.29
CA ASP B 56 1.75 31.06 -1.12
C ASP B 56 0.32 30.50 -1.24
N LEU B 57 -0.66 31.39 -1.39
CA LEU B 57 -2.06 31.00 -1.37
C LEU B 57 -2.59 30.08 -2.47
N LYS B 58 -2.24 30.41 -3.69
CA LYS B 58 -2.64 29.64 -4.83
C LYS B 58 -1.88 28.32 -4.97
N VAL B 59 -0.84 28.11 -4.19
CA VAL B 59 -0.11 26.86 -4.32
C VAL B 59 -0.59 25.69 -3.47
N GLN B 60 -1.40 25.99 -2.46
CA GLN B 60 -1.93 24.95 -1.60
C GLN B 60 -2.88 24.03 -2.34
N HIS B 61 -2.82 22.75 -2.03
CA HIS B 61 -3.69 21.75 -2.61
C HIS B 61 -5.14 22.06 -2.22
N SER B 62 -6.06 21.70 -3.11
CA SER B 62 -7.48 21.97 -2.98
C SER B 62 -8.15 21.37 -1.76
N SER B 63 -7.73 20.18 -1.37
CA SER B 63 -8.29 19.53 -0.21
C SER B 63 -8.04 20.27 1.08
N TYR B 64 -7.03 21.12 1.11
CA TYR B 64 -6.73 21.88 2.30
C TYR B 64 -7.16 23.34 2.30
N ARG B 65 -7.80 23.83 1.23
CA ARG B 65 -8.19 25.22 1.17
C ARG B 65 -9.14 25.57 2.28
N GLN B 66 -8.77 26.62 2.99
CA GLN B 66 -9.49 27.20 4.12
C GLN B 66 -9.37 26.43 5.40
N ARG B 67 -8.68 25.32 5.38
CA ARG B 67 -8.56 24.53 6.57
C ARG B 67 -7.20 24.54 7.16
N ALA B 68 -6.20 24.91 6.41
CA ALA B 68 -4.85 24.87 6.90
C ALA B 68 -4.08 26.14 6.81
N ARG B 69 -3.38 26.45 7.87
CA ARG B 69 -2.54 27.61 7.92
C ARG B 69 -1.40 27.46 8.88
N LEU B 70 -0.37 28.24 8.64
CA LEU B 70 0.80 28.24 9.48
C LEU B 70 0.67 29.40 10.46
N LEU B 71 0.92 29.14 11.73
CA LEU B 71 0.79 30.19 12.70
C LEU B 71 2.07 31.01 12.71
N LYS B 72 2.02 32.13 12.03
CA LYS B 72 3.14 33.02 11.80
C LYS B 72 3.74 33.56 13.06
N ASP B 73 2.93 33.82 14.07
CA ASP B 73 3.42 34.35 15.32
C ASP B 73 4.43 33.40 15.95
N GLN B 74 4.18 32.11 15.81
CA GLN B 74 5.02 31.05 16.33
C GLN B 74 6.41 30.93 15.72
N LEU B 75 6.56 31.39 14.50
CA LEU B 75 7.82 31.25 13.77
C LEU B 75 9.00 31.88 14.43
N SER B 76 8.77 33.02 15.05
CA SER B 76 9.81 33.74 15.73
C SER B 76 10.36 33.00 16.93
N LEU B 77 9.57 32.07 17.46
CA LEU B 77 9.97 31.28 18.59
C LEU B 77 10.56 29.95 18.15
N GLY B 78 10.81 29.80 16.86
CA GLY B 78 11.30 28.55 16.33
C GLY B 78 10.29 27.42 16.30
N ASN B 79 9.01 27.75 16.17
CA ASN B 79 7.99 26.75 16.09
C ASN B 79 7.19 26.91 14.82
N ALA B 80 7.19 25.88 13.99
CA ALA B 80 6.40 25.88 12.79
C ALA B 80 5.20 25.03 13.16
N ALA B 81 4.09 25.69 13.34
CA ALA B 81 2.90 25.02 13.73
C ALA B 81 1.88 25.06 12.65
N LEU B 82 1.47 23.88 12.23
CA LEU B 82 0.45 23.79 11.22
C LEU B 82 -0.88 23.53 11.90
N GLN B 83 -1.81 24.44 11.72
CA GLN B 83 -3.14 24.33 12.29
C GLN B 83 -4.13 23.95 11.23
N ILE B 84 -4.80 22.84 11.44
CA ILE B 84 -5.78 22.35 10.53
C ILE B 84 -7.11 22.27 11.23
N THR B 85 -8.11 22.87 10.63
CA THR B 85 -9.44 22.89 11.17
C THR B 85 -10.32 21.93 10.42
N ASP B 86 -11.42 21.53 11.04
CA ASP B 86 -12.39 20.67 10.41
C ASP B 86 -11.81 19.41 9.80
N VAL B 87 -11.15 18.62 10.62
CA VAL B 87 -10.43 17.43 10.20
C VAL B 87 -11.30 16.41 9.55
N LYS B 88 -10.81 15.88 8.47
CA LYS B 88 -11.50 14.87 7.69
C LYS B 88 -10.75 13.58 7.79
N LEU B 89 -11.38 12.51 7.34
CA LEU B 89 -10.77 11.20 7.33
C LEU B 89 -9.58 11.17 6.37
N GLN B 90 -9.64 11.98 5.33
CA GLN B 90 -8.62 12.13 4.30
C GLN B 90 -7.33 12.74 4.85
N ASP B 91 -7.43 13.38 5.99
CA ASP B 91 -6.33 14.01 6.66
C ASP B 91 -5.40 13.04 7.36
N ALA B 92 -5.83 11.81 7.54
CA ALA B 92 -5.01 10.82 8.19
C ALA B 92 -3.85 10.42 7.27
N GLY B 93 -2.66 10.31 7.85
CA GLY B 93 -1.47 9.96 7.12
C GLY B 93 -0.19 10.50 7.68
N VAL B 94 0.86 10.45 6.89
CA VAL B 94 2.16 10.93 7.30
C VAL B 94 2.43 12.32 6.76
N TYR B 95 2.66 13.24 7.67
CA TYR B 95 2.94 14.61 7.33
C TYR B 95 4.43 14.85 7.43
N ARG B 96 4.93 15.74 6.59
CA ARG B 96 6.31 16.14 6.59
C ARG B 96 6.47 17.64 6.68
N CYS B 97 7.31 18.08 7.59
CA CYS B 97 7.64 19.46 7.70
C CYS B 97 9.07 19.56 7.21
N MET B 98 9.27 20.35 6.18
CA MET B 98 10.57 20.56 5.59
C MET B 98 10.94 21.98 5.84
N ILE B 99 12.06 22.18 6.48
CA ILE B 99 12.50 23.49 6.84
C ILE B 99 13.90 23.87 6.41
N SER B 100 14.02 25.03 5.79
CA SER B 100 15.31 25.55 5.40
C SER B 100 15.53 26.84 6.20
N TYR B 101 16.56 26.86 7.01
CA TYR B 101 16.89 28.02 7.79
C TYR B 101 18.35 28.01 8.12
N GLY B 102 19.19 28.37 7.16
CA GLY B 102 20.62 28.36 7.33
C GLY B 102 21.07 26.95 7.61
N GLY B 103 20.42 26.06 6.92
CA GLY B 103 20.59 24.63 7.00
C GLY B 103 19.25 23.99 6.63
N ALA B 104 19.21 22.69 6.44
CA ALA B 104 17.94 22.06 6.09
C ALA B 104 17.74 20.70 6.70
N ASP B 105 16.49 20.42 7.06
CA ASP B 105 16.05 19.19 7.67
C ASP B 105 14.51 19.02 7.54
N TYR B 106 14.06 17.82 7.77
CA TYR B 106 12.67 17.50 7.77
C TYR B 106 12.32 16.44 8.78
N LYS B 107 11.07 16.39 9.17
CA LYS B 107 10.58 15.37 10.07
C LYS B 107 9.21 14.85 9.70
N ARG B 108 8.91 13.66 10.16
CA ARG B 108 7.62 13.09 9.90
C ARG B 108 6.71 13.00 11.10
N ILE B 109 5.44 13.31 10.88
CA ILE B 109 4.45 13.24 11.88
C ILE B 109 3.30 12.37 11.39
N THR B 110 2.86 11.45 12.22
CA THR B 110 1.78 10.59 11.87
C THR B 110 0.49 11.06 12.51
N VAL B 111 -0.55 11.16 11.71
CA VAL B 111 -1.88 11.54 12.16
C VAL B 111 -2.88 10.42 11.92
N LYS B 112 -3.60 10.05 12.96
CA LYS B 112 -4.65 9.05 12.89
C LYS B 112 -5.95 9.76 13.15
N VAL B 113 -6.98 9.46 12.37
CA VAL B 113 -8.25 10.10 12.57
C VAL B 113 -9.35 9.12 12.99
N ASN B 114 -9.90 9.34 14.18
CA ASN B 114 -11.01 8.56 14.72
C ASN B 114 -12.27 9.15 14.13
N ALA B 115 -13.25 8.33 13.79
CA ALA B 115 -14.52 8.83 13.26
C ALA B 115 -15.69 7.91 13.49
N PRO B 116 -16.88 8.48 13.58
CA PRO B 116 -18.12 7.74 13.73
C PRO B 116 -18.47 7.08 12.41
N TYR B 117 -19.39 6.16 12.44
CA TYR B 117 -19.74 5.39 11.28
C TYR B 117 -20.22 6.19 10.11
N ALA B 118 -21.01 7.22 10.33
CA ALA B 118 -21.52 7.96 9.20
C ALA B 118 -20.42 8.59 8.36
N ALA B 119 -19.47 9.24 9.02
CA ALA B 119 -18.35 9.84 8.33
C ALA B 119 -17.52 8.79 7.65
N ALA B 120 -17.30 7.68 8.33
CA ALA B 120 -16.52 6.59 7.79
C ALA B 120 -17.12 5.97 6.56
N LEU B 121 -18.44 5.80 6.57
CA LEU B 121 -19.17 5.24 5.45
C LEU B 121 -19.02 6.12 4.22
N GLU B 122 -19.16 7.40 4.39
CA GLU B 122 -19.02 8.28 3.28
C GLU B 122 -17.61 8.18 2.71
N HIS B 123 -16.63 8.03 3.58
CA HIS B 123 -15.24 7.92 3.16
C HIS B 123 -15.01 6.62 2.43
N HIS B 124 -15.65 5.57 2.88
CA HIS B 124 -15.55 4.25 2.30
C HIS B 124 -16.20 4.13 0.92
N HIS B 125 -17.25 4.92 0.69
CA HIS B 125 -18.11 5.00 -0.52
C HIS B 125 -19.01 3.77 -0.67
N ALA C 1 -28.16 -18.03 -8.72
CA ALA C 1 -26.90 -18.55 -8.17
C ALA C 1 -26.71 -18.19 -6.71
N PHE C 2 -25.84 -18.94 -6.06
CA PHE C 2 -25.55 -18.73 -4.67
C PHE C 2 -24.91 -17.39 -4.44
N THR C 3 -25.52 -16.61 -3.57
CA THR C 3 -25.01 -15.32 -3.21
C THR C 3 -24.82 -15.18 -1.69
N VAL C 4 -23.67 -14.67 -1.28
CA VAL C 4 -23.40 -14.43 0.11
C VAL C 4 -23.67 -12.96 0.23
N THR C 5 -24.42 -12.56 1.23
CA THR C 5 -24.73 -11.17 1.37
C THR C 5 -24.23 -10.61 2.68
N VAL C 6 -23.99 -9.32 2.70
CA VAL C 6 -23.50 -8.72 3.88
C VAL C 6 -24.37 -7.53 4.25
N PRO C 7 -24.99 -7.57 5.42
CA PRO C 7 -25.84 -6.44 5.76
C PRO C 7 -25.02 -5.16 5.88
N LYS C 8 -23.83 -5.27 6.44
CA LYS C 8 -22.96 -4.14 6.55
C LYS C 8 -21.62 -4.51 6.00
N ASP C 9 -21.11 -3.75 5.05
CA ASP C 9 -19.78 -4.05 4.56
C ASP C 9 -18.67 -3.27 5.29
N LEU C 10 -19.07 -2.38 6.20
CA LEU C 10 -18.16 -1.62 7.02
C LEU C 10 -18.59 -1.57 8.46
N TYR C 11 -17.67 -1.79 9.38
CA TYR C 11 -17.92 -1.69 10.80
C TYR C 11 -16.95 -0.72 11.42
N VAL C 12 -17.43 0.18 12.25
CA VAL C 12 -16.55 1.08 12.97
C VAL C 12 -16.67 0.62 14.42
N VAL C 13 -15.56 0.22 15.01
CA VAL C 13 -15.62 -0.26 16.36
C VAL C 13 -14.55 0.32 17.29
N GLU C 14 -14.89 0.48 18.55
CA GLU C 14 -13.96 1.00 19.52
C GLU C 14 -13.02 -0.04 20.05
N TYR C 15 -11.79 0.40 20.29
CA TYR C 15 -10.74 -0.43 20.80
C TYR C 15 -11.15 -0.95 22.15
N GLY C 16 -10.92 -2.23 22.37
CA GLY C 16 -11.23 -2.92 23.60
C GLY C 16 -12.62 -3.51 23.67
N SER C 17 -13.46 -3.13 22.73
CA SER C 17 -14.80 -3.67 22.65
C SER C 17 -14.86 -5.00 21.91
N ASN C 18 -16.05 -5.56 21.75
CA ASN C 18 -16.26 -6.81 21.06
C ASN C 18 -17.07 -6.52 19.83
N MET C 19 -16.88 -7.29 18.79
CA MET C 19 -17.63 -7.08 17.56
C MET C 19 -18.10 -8.36 16.94
N THR C 20 -19.22 -8.28 16.26
CA THR C 20 -19.74 -9.40 15.55
C THR C 20 -19.98 -8.94 14.12
N ILE C 21 -19.32 -9.57 13.16
CA ILE C 21 -19.46 -9.21 11.74
C ILE C 21 -20.14 -10.36 11.04
N GLU C 22 -21.11 -10.05 10.20
CA GLU C 22 -21.90 -11.08 9.55
C GLU C 22 -22.05 -11.16 8.05
N CYS C 23 -22.08 -12.40 7.56
CA CYS C 23 -22.29 -12.71 6.15
C CYS C 23 -23.55 -13.55 6.07
N LYS C 24 -24.51 -13.16 5.27
CA LYS C 24 -25.73 -13.92 5.15
C LYS C 24 -25.72 -14.79 3.93
N PHE C 25 -26.29 -15.97 4.07
CA PHE C 25 -26.45 -16.91 2.99
C PHE C 25 -27.80 -17.62 3.08
N PRO C 26 -28.43 -17.86 1.94
CA PRO C 26 -29.76 -18.49 1.83
C PRO C 26 -29.89 -19.92 2.31
N VAL C 27 -30.93 -20.12 3.09
CA VAL C 27 -31.23 -21.41 3.62
C VAL C 27 -32.72 -21.68 3.45
N GLU C 28 -33.19 -21.86 2.23
CA GLU C 28 -34.61 -22.11 2.01
C GLU C 28 -35.02 -23.42 2.64
N LYS C 29 -34.27 -24.47 2.35
CA LYS C 29 -34.48 -25.79 2.91
C LYS C 29 -33.82 -25.91 4.26
N GLN C 30 -34.14 -26.97 4.99
CA GLN C 30 -33.60 -27.19 6.32
C GLN C 30 -32.10 -27.27 6.23
N LEU C 31 -31.40 -26.59 7.12
CA LEU C 31 -29.96 -26.54 7.03
C LEU C 31 -29.28 -27.87 7.11
N ASP C 32 -28.38 -28.06 6.17
CA ASP C 32 -27.59 -29.24 6.04
C ASP C 32 -26.16 -28.88 6.33
N LEU C 33 -25.72 -29.19 7.54
CA LEU C 33 -24.37 -28.94 8.00
C LEU C 33 -23.31 -29.71 7.27
N ALA C 34 -23.68 -30.85 6.74
CA ALA C 34 -22.74 -31.69 6.01
C ALA C 34 -22.17 -30.98 4.80
N ALA C 35 -23.00 -30.21 4.13
CA ALA C 35 -22.64 -29.52 2.92
C ALA C 35 -22.06 -28.12 3.12
N LEU C 36 -21.87 -27.70 4.36
CA LEU C 36 -21.42 -26.37 4.60
C LEU C 36 -20.00 -26.15 5.00
N ILE C 37 -19.37 -25.19 4.34
CA ILE C 37 -18.03 -24.78 4.69
C ILE C 37 -18.08 -23.28 4.95
N VAL C 38 -17.57 -22.88 6.09
CA VAL C 38 -17.51 -21.48 6.44
C VAL C 38 -16.07 -21.15 6.74
N TYR C 39 -15.55 -20.16 6.03
CA TYR C 39 -14.18 -19.74 6.18
C TYR C 39 -14.02 -18.25 6.42
N TRP C 40 -13.29 -17.88 7.45
CA TRP C 40 -13.05 -16.47 7.71
C TRP C 40 -11.57 -16.19 7.76
N GLU C 41 -11.18 -15.11 7.10
CA GLU C 41 -9.80 -14.70 7.09
C GLU C 41 -9.62 -13.21 7.02
N MET C 42 -8.48 -12.73 7.47
CA MET C 42 -8.17 -11.34 7.34
C MET C 42 -6.73 -11.23 6.87
N GLU C 43 -6.52 -10.67 5.69
CA GLU C 43 -5.18 -10.43 5.16
C GLU C 43 -4.23 -11.62 5.25
N ASP C 44 -4.72 -12.76 4.82
CA ASP C 44 -3.96 -13.98 4.80
C ASP C 44 -3.86 -14.68 6.13
N LYS C 45 -4.56 -14.17 7.12
CA LYS C 45 -4.55 -14.79 8.40
C LYS C 45 -5.86 -15.56 8.52
N ASN C 46 -5.76 -16.83 8.90
CA ASN C 46 -6.93 -17.67 9.05
C ASN C 46 -7.59 -17.42 10.37
N ILE C 47 -8.88 -17.12 10.35
CA ILE C 47 -9.58 -16.92 11.59
C ILE C 47 -10.49 -18.09 11.94
N ILE C 48 -11.31 -18.53 11.01
CA ILE C 48 -12.21 -19.62 11.24
C ILE C 48 -12.14 -20.64 10.11
N GLN C 49 -12.17 -21.92 10.47
CA GLN C 49 -12.16 -23.03 9.52
C GLN C 49 -13.29 -23.98 9.87
N PHE C 50 -14.49 -23.70 9.40
CA PHE C 50 -15.60 -24.55 9.72
C PHE C 50 -16.00 -25.50 8.59
N VAL C 51 -15.59 -26.75 8.74
CA VAL C 51 -15.87 -27.83 7.79
C VAL C 51 -16.43 -29.04 8.55
N HIS C 52 -17.58 -29.56 8.10
CA HIS C 52 -18.24 -30.71 8.70
C HIS C 52 -18.55 -30.42 10.15
N GLY C 53 -18.91 -29.19 10.44
CA GLY C 53 -19.28 -28.80 11.78
C GLY C 53 -18.18 -29.12 12.72
N GLU C 54 -16.98 -29.12 12.20
CA GLU C 54 -15.81 -29.40 12.99
C GLU C 54 -14.83 -28.30 12.75
N GLU C 55 -15.07 -27.14 13.35
CA GLU C 55 -14.16 -26.02 13.14
C GLU C 55 -12.79 -26.44 13.59
N ASP C 56 -11.79 -26.28 12.75
CA ASP C 56 -10.44 -26.68 13.17
C ASP C 56 -9.62 -25.50 13.64
N LEU C 57 -9.10 -25.60 14.85
CA LEU C 57 -8.30 -24.55 15.45
C LEU C 57 -6.82 -24.68 15.28
N LYS C 58 -6.35 -25.81 14.78
CA LYS C 58 -4.91 -25.97 14.62
C LYS C 58 -4.39 -24.93 13.62
N VAL C 59 -5.18 -24.68 12.58
CA VAL C 59 -4.87 -23.71 11.54
C VAL C 59 -4.83 -22.22 11.92
N GLN C 60 -5.59 -21.86 12.94
CA GLN C 60 -5.81 -20.48 13.31
C GLN C 60 -4.58 -19.67 13.56
N HIS C 61 -4.60 -18.45 13.07
CA HIS C 61 -3.47 -17.59 13.22
C HIS C 61 -3.30 -17.30 14.69
N SER C 62 -2.05 -17.15 15.09
CA SER C 62 -1.69 -16.96 16.47
C SER C 62 -2.31 -15.73 17.02
N SER C 63 -2.42 -14.72 16.19
CA SER C 63 -2.96 -13.47 16.61
C SER C 63 -4.44 -13.49 16.98
N TYR C 64 -5.19 -14.46 16.48
CA TYR C 64 -6.61 -14.57 16.79
C TYR C 64 -6.93 -15.63 17.83
N ARG C 65 -5.90 -16.30 18.33
CA ARG C 65 -6.09 -17.36 19.30
C ARG C 65 -6.65 -16.85 20.61
N GLN C 66 -7.76 -17.45 20.96
CA GLN C 66 -8.56 -17.23 22.14
C GLN C 66 -9.54 -16.11 21.98
N ARG C 67 -9.46 -15.40 20.87
CA ARG C 67 -10.34 -14.26 20.64
C ARG C 67 -11.41 -14.34 19.60
N ALA C 68 -11.38 -15.35 18.77
CA ALA C 68 -12.37 -15.43 17.70
C ALA C 68 -13.23 -16.67 17.74
N ARG C 69 -14.51 -16.49 17.48
CA ARG C 69 -15.49 -17.56 17.48
C ARG C 69 -16.63 -17.36 16.51
N LEU C 70 -17.13 -18.46 15.97
CA LEU C 70 -18.24 -18.51 15.05
C LEU C 70 -19.47 -18.95 15.81
N LEU C 71 -20.51 -18.16 15.78
CA LEU C 71 -21.69 -18.49 16.52
C LEU C 71 -22.50 -19.43 15.68
N LYS C 72 -22.36 -20.70 15.99
CA LYS C 72 -22.96 -21.79 15.24
C LYS C 72 -24.49 -21.80 15.10
N ASP C 73 -25.19 -21.41 16.16
CA ASP C 73 -26.65 -21.43 16.16
C ASP C 73 -27.27 -20.55 15.11
N GLN C 74 -26.61 -19.46 14.78
CA GLN C 74 -27.06 -18.53 13.76
C GLN C 74 -27.00 -19.14 12.37
N LEU C 75 -26.28 -20.24 12.24
CA LEU C 75 -26.10 -20.92 10.95
C LEU C 75 -27.42 -21.40 10.39
N SER C 76 -28.28 -21.92 11.26
CA SER C 76 -29.57 -22.45 10.90
C SER C 76 -30.44 -21.37 10.31
N LEU C 77 -30.08 -20.13 10.61
CA LEU C 77 -30.79 -18.99 10.10
C LEU C 77 -30.10 -18.40 8.88
N GLY C 78 -29.11 -19.08 8.35
CA GLY C 78 -28.40 -18.52 7.22
C GLY C 78 -27.53 -17.33 7.59
N ASN C 79 -26.96 -17.38 8.78
CA ASN C 79 -26.10 -16.30 9.23
C ASN C 79 -24.80 -16.83 9.72
N ALA C 80 -23.73 -16.40 9.07
CA ALA C 80 -22.41 -16.76 9.47
C ALA C 80 -21.89 -15.49 10.15
N ALA C 81 -21.87 -15.51 11.47
CA ALA C 81 -21.47 -14.37 12.22
C ALA C 81 -20.17 -14.65 12.94
N LEU C 82 -19.19 -13.78 12.71
CA LEU C 82 -17.89 -13.91 13.34
C LEU C 82 -17.80 -12.94 14.47
N GLN C 83 -17.52 -13.45 15.65
CA GLN C 83 -17.42 -12.60 16.80
C GLN C 83 -16.01 -12.51 17.31
N ILE C 84 -15.51 -11.28 17.43
CA ILE C 84 -14.18 -11.08 17.95
C ILE C 84 -14.26 -10.26 19.22
N THR C 85 -13.55 -10.69 20.24
CA THR C 85 -13.58 -10.02 21.52
C THR C 85 -12.30 -9.28 21.80
N ASP C 86 -12.41 -8.21 22.56
CA ASP C 86 -11.28 -7.39 22.92
C ASP C 86 -10.49 -6.90 21.70
N VAL C 87 -11.18 -6.14 20.86
CA VAL C 87 -10.66 -5.64 19.61
C VAL C 87 -9.41 -4.80 19.77
N LYS C 88 -8.41 -5.14 19.01
CA LYS C 88 -7.19 -4.42 19.03
C LYS C 88 -7.08 -3.60 17.77
N LEU C 89 -6.09 -2.72 17.73
CA LEU C 89 -5.86 -1.87 16.57
C LEU C 89 -5.52 -2.72 15.36
N GLN C 90 -4.83 -3.82 15.62
CA GLN C 90 -4.38 -4.77 14.62
C GLN C 90 -5.52 -5.46 13.92
N ASP C 91 -6.68 -5.44 14.54
CA ASP C 91 -7.87 -6.03 14.00
C ASP C 91 -8.45 -5.29 12.83
N ALA C 92 -8.05 -4.05 12.66
CA ALA C 92 -8.55 -3.25 11.58
C ALA C 92 -8.10 -3.81 10.25
N GLY C 93 -8.98 -3.83 9.28
CA GLY C 93 -8.65 -4.34 7.99
C GLY C 93 -9.79 -4.90 7.19
N VAL C 94 -9.44 -5.69 6.18
CA VAL C 94 -10.41 -6.27 5.32
C VAL C 94 -10.56 -7.74 5.63
N TYR C 95 -11.78 -8.09 5.97
CA TYR C 95 -12.18 -9.41 6.34
C TYR C 95 -12.92 -10.05 5.20
N ARG C 96 -12.74 -11.34 5.05
CA ARG C 96 -13.43 -12.05 4.03
C ARG C 96 -14.13 -13.29 4.53
N CYS C 97 -15.41 -13.42 4.19
CA CYS C 97 -16.17 -14.63 4.48
C CYS C 97 -16.35 -15.45 3.20
N MET C 98 -15.84 -16.65 3.22
CA MET C 98 -15.99 -17.53 2.08
C MET C 98 -16.88 -18.68 2.47
N ILE C 99 -18.00 -18.78 1.80
CA ILE C 99 -18.94 -19.83 2.10
C ILE C 99 -19.25 -20.81 0.95
N SER C 100 -19.12 -22.08 1.25
CA SER C 100 -19.50 -23.09 0.31
C SER C 100 -20.72 -23.82 0.88
N TYR C 101 -21.85 -23.73 0.21
CA TYR C 101 -23.06 -24.42 0.62
C TYR C 101 -23.87 -24.83 -0.59
N GLY C 102 -23.56 -25.95 -1.20
CA GLY C 102 -24.27 -26.34 -2.39
C GLY C 102 -24.13 -25.21 -3.39
N GLY C 103 -22.92 -24.72 -3.51
CA GLY C 103 -22.58 -23.58 -4.32
C GLY C 103 -21.54 -22.73 -3.58
N ALA C 104 -20.99 -21.68 -4.19
CA ALA C 104 -20.01 -20.85 -3.48
C ALA C 104 -19.90 -19.36 -3.80
N ASP C 105 -19.61 -18.59 -2.78
CA ASP C 105 -19.46 -17.15 -2.86
C ASP C 105 -18.63 -16.64 -1.67
N TYR C 106 -18.23 -15.39 -1.74
CA TYR C 106 -17.53 -14.74 -0.67
C TYR C 106 -17.80 -13.26 -0.68
N LYS C 107 -17.63 -12.63 0.46
CA LYS C 107 -17.83 -11.20 0.59
C LYS C 107 -16.76 -10.51 1.41
N ARG C 108 -16.67 -9.21 1.29
CA ARG C 108 -15.70 -8.44 2.01
C ARG C 108 -16.29 -7.48 3.03
N ILE C 109 -15.70 -7.45 4.18
CA ILE C 109 -16.13 -6.55 5.21
C ILE C 109 -14.94 -5.73 5.66
N THR C 110 -15.11 -4.45 5.82
CA THR C 110 -14.05 -3.60 6.27
C THR C 110 -14.28 -3.17 7.69
N VAL C 111 -13.26 -3.32 8.51
CA VAL C 111 -13.32 -2.93 9.90
C VAL C 111 -12.35 -1.81 10.20
N LYS C 112 -12.88 -0.76 10.80
CA LYS C 112 -12.17 0.42 11.23
C LYS C 112 -12.18 0.44 12.75
N VAL C 113 -11.05 0.69 13.36
CA VAL C 113 -10.96 0.71 14.80
C VAL C 113 -10.59 2.10 15.30
N ASN C 114 -11.42 2.64 16.17
CA ASN C 114 -11.19 3.91 16.79
C ASN C 114 -10.48 3.63 18.10
N ALA C 115 -9.51 4.43 18.46
CA ALA C 115 -8.82 4.24 19.71
C ALA C 115 -8.30 5.55 20.25
N PRO C 116 -8.20 5.64 21.56
CA PRO C 116 -7.66 6.81 22.24
C PRO C 116 -6.16 6.88 22.02
N TYR C 117 -5.60 8.03 22.28
CA TYR C 117 -4.22 8.30 22.02
C TYR C 117 -3.28 7.32 22.69
N ALA C 118 -3.54 6.97 23.94
CA ALA C 118 -2.68 6.07 24.67
C ALA C 118 -2.57 4.72 24.04
N ALA C 119 -3.67 4.16 23.60
CA ALA C 119 -3.66 2.90 22.89
C ALA C 119 -2.93 3.04 21.57
N ALA C 120 -3.16 4.13 20.87
CA ALA C 120 -2.48 4.36 19.61
C ALA C 120 -0.98 4.50 19.78
N LEU C 121 -0.56 5.16 20.84
CA LEU C 121 0.84 5.35 21.14
C LEU C 121 1.55 4.03 21.42
N GLU C 122 0.91 3.18 22.20
CA GLU C 122 1.48 1.89 22.50
C GLU C 122 1.64 1.11 21.21
N HIS C 123 0.67 1.17 20.33
CA HIS C 123 0.69 0.47 19.07
C HIS C 123 1.71 1.06 18.11
N HIS C 124 1.84 2.37 18.14
CA HIS C 124 2.78 3.12 17.31
C HIS C 124 4.22 2.79 17.70
N HIS C 125 4.34 2.37 18.95
CA HIS C 125 5.56 2.00 19.68
C HIS C 125 6.38 3.22 20.09
N ALA D 1 -8.54 -33.75 3.65
CA ALA D 1 -9.41 -32.71 3.12
C ALA D 1 -9.09 -32.33 1.67
N PHE D 2 -10.02 -31.63 1.04
CA PHE D 2 -9.85 -31.17 -0.32
C PHE D 2 -8.75 -30.14 -0.29
N THR D 3 -7.70 -30.38 -1.04
CA THR D 3 -6.60 -29.46 -1.08
C THR D 3 -6.23 -29.01 -2.49
N VAL D 4 -6.10 -27.71 -2.68
CA VAL D 4 -5.69 -27.17 -3.96
C VAL D 4 -4.20 -26.99 -3.86
N THR D 5 -3.45 -27.37 -4.86
CA THR D 5 -2.01 -27.23 -4.81
C THR D 5 -1.45 -26.41 -5.97
N VAL D 6 -0.35 -25.74 -5.71
CA VAL D 6 0.22 -24.91 -6.69
C VAL D 6 1.68 -25.32 -6.92
N PRO D 7 2.00 -25.84 -8.09
CA PRO D 7 3.35 -26.23 -8.42
C PRO D 7 4.32 -25.06 -8.40
N LYS D 8 3.86 -23.90 -8.88
CA LYS D 8 4.64 -22.67 -8.92
C LYS D 8 3.87 -21.56 -8.25
N ASP D 9 4.38 -21.01 -7.17
CA ASP D 9 3.67 -19.92 -6.56
C ASP D 9 4.20 -18.53 -6.95
N LEU D 10 5.23 -18.51 -7.76
CA LEU D 10 5.81 -17.30 -8.32
C LEU D 10 6.03 -17.41 -9.82
N TYR D 11 5.56 -16.43 -10.58
CA TYR D 11 5.77 -16.36 -12.02
C TYR D 11 6.43 -15.05 -12.43
N VAL D 12 7.46 -15.11 -13.24
CA VAL D 12 8.11 -13.90 -13.71
C VAL D 12 7.89 -13.89 -15.21
N VAL D 13 7.17 -12.91 -15.70
CA VAL D 13 6.86 -12.86 -17.10
C VAL D 13 7.14 -11.56 -17.80
N GLU D 14 7.57 -11.66 -19.04
CA GLU D 14 7.88 -10.52 -19.84
C GLU D 14 6.65 -9.86 -20.40
N TYR D 15 6.68 -8.55 -20.45
CA TYR D 15 5.58 -7.80 -20.97
C TYR D 15 5.34 -8.22 -22.41
N GLY D 16 4.08 -8.42 -22.73
CA GLY D 16 3.65 -8.81 -24.05
C GLY D 16 3.62 -10.28 -24.37
N SER D 17 4.12 -11.09 -23.48
CA SER D 17 4.11 -12.52 -23.66
C SER D 17 2.80 -13.11 -23.17
N ASN D 18 2.70 -14.42 -23.16
CA ASN D 18 1.53 -15.10 -22.66
C ASN D 18 1.92 -15.94 -21.47
N MET D 19 1.09 -15.94 -20.46
CA MET D 19 1.37 -16.79 -19.33
C MET D 19 0.20 -17.64 -18.93
N THR D 20 0.52 -18.82 -18.43
CA THR D 20 -0.48 -19.71 -17.93
C THR D 20 -0.15 -20.07 -16.49
N ILE D 21 -1.03 -19.73 -15.58
CA ILE D 21 -0.84 -20.03 -14.17
C ILE D 21 -1.80 -21.14 -13.71
N GLU D 22 -1.26 -22.07 -12.95
CA GLU D 22 -2.02 -23.23 -12.57
C GLU D 22 -2.27 -23.59 -11.11
N CYS D 23 -3.46 -24.07 -10.88
CA CYS D 23 -3.87 -24.58 -9.61
C CYS D 23 -4.36 -26.01 -9.83
N LYS D 24 -3.79 -26.96 -9.12
CA LYS D 24 -4.16 -28.37 -9.22
C LYS D 24 -5.17 -28.78 -8.14
N PHE D 25 -6.15 -29.57 -8.52
CA PHE D 25 -7.16 -30.05 -7.62
C PHE D 25 -7.45 -31.51 -7.93
N PRO D 26 -7.62 -32.34 -6.91
CA PRO D 26 -7.82 -33.77 -7.14
C PRO D 26 -9.13 -34.14 -7.80
N VAL D 27 -9.00 -34.97 -8.81
CA VAL D 27 -10.12 -35.49 -9.55
C VAL D 27 -10.06 -37.02 -9.56
N GLU D 28 -11.15 -37.67 -9.20
CA GLU D 28 -11.25 -39.11 -9.20
C GLU D 28 -12.20 -39.55 -10.27
N LYS D 29 -11.77 -40.49 -11.08
CA LYS D 29 -12.59 -40.98 -12.18
C LYS D 29 -12.95 -39.84 -13.13
N GLN D 30 -14.18 -39.77 -13.54
CA GLN D 30 -14.62 -38.73 -14.43
C GLN D 30 -14.98 -37.45 -13.70
N LEU D 31 -14.61 -36.34 -14.29
CA LEU D 31 -14.93 -35.07 -13.71
C LEU D 31 -16.42 -34.85 -13.74
N ASP D 32 -16.98 -34.45 -12.62
CA ASP D 32 -18.37 -34.12 -12.59
C ASP D 32 -18.36 -32.61 -12.69
N LEU D 33 -18.57 -32.12 -13.89
CA LEU D 33 -18.56 -30.70 -14.20
C LEU D 33 -19.62 -29.94 -13.45
N ALA D 34 -20.72 -30.61 -13.17
CA ALA D 34 -21.85 -30.06 -12.45
C ALA D 34 -21.52 -29.69 -11.01
N ALA D 35 -20.57 -30.38 -10.41
CA ALA D 35 -20.15 -30.12 -9.06
C ALA D 35 -18.91 -29.24 -8.96
N LEU D 36 -18.44 -28.69 -10.07
CA LEU D 36 -17.24 -27.90 -10.06
C LEU D 36 -17.41 -26.42 -10.21
N ILE D 37 -16.76 -25.68 -9.35
CA ILE D 37 -16.71 -24.23 -9.42
C ILE D 37 -15.25 -23.79 -9.41
N VAL D 38 -14.88 -22.98 -10.36
CA VAL D 38 -13.54 -22.44 -10.42
C VAL D 38 -13.62 -20.93 -10.50
N TYR D 39 -12.94 -20.29 -9.56
CA TYR D 39 -12.92 -18.85 -9.47
C TYR D 39 -11.52 -18.27 -9.40
N TRP D 40 -11.22 -17.34 -10.30
CA TRP D 40 -9.92 -16.68 -10.34
C TRP D 40 -10.10 -15.18 -10.15
N GLU D 41 -9.30 -14.60 -9.28
CA GLU D 41 -9.33 -13.17 -9.04
C GLU D 41 -7.96 -12.64 -8.75
N MET D 42 -7.71 -11.37 -9.03
CA MET D 42 -6.47 -10.71 -8.64
C MET D 42 -6.84 -9.41 -7.97
N GLU D 43 -6.51 -9.29 -6.70
CA GLU D 43 -6.78 -8.11 -5.93
C GLU D 43 -8.22 -7.56 -6.06
N ASP D 44 -9.17 -8.45 -5.90
CA ASP D 44 -10.59 -8.17 -5.92
C ASP D 44 -11.27 -8.06 -7.30
N LYS D 45 -10.52 -8.10 -8.36
CA LYS D 45 -11.12 -8.03 -9.66
C LYS D 45 -11.33 -9.45 -10.16
N ASN D 46 -12.56 -9.80 -10.52
CA ASN D 46 -12.87 -11.13 -11.00
C ASN D 46 -12.21 -11.40 -12.34
N ILE D 47 -11.60 -12.54 -12.49
CA ILE D 47 -11.05 -12.85 -13.78
C ILE D 47 -11.83 -13.96 -14.46
N ILE D 48 -12.06 -15.03 -13.74
CA ILE D 48 -12.78 -16.17 -14.24
C ILE D 48 -13.84 -16.60 -13.26
N GLN D 49 -15.05 -16.80 -13.73
CA GLN D 49 -16.13 -17.33 -12.90
C GLN D 49 -16.76 -18.48 -13.65
N PHE D 50 -16.32 -19.68 -13.37
CA PHE D 50 -16.81 -20.86 -14.03
C PHE D 50 -17.64 -21.72 -13.08
N VAL D 51 -18.95 -21.60 -13.17
CA VAL D 51 -19.86 -22.34 -12.29
C VAL D 51 -20.60 -23.45 -13.02
N HIS D 52 -20.28 -24.68 -12.66
CA HIS D 52 -20.89 -25.87 -13.23
C HIS D 52 -20.86 -25.90 -14.75
N GLY D 53 -19.74 -25.52 -15.34
CA GLY D 53 -19.61 -25.50 -16.76
C GLY D 53 -20.05 -24.24 -17.49
N GLU D 54 -20.61 -23.28 -16.78
CA GLU D 54 -21.05 -22.05 -17.39
C GLU D 54 -20.22 -20.88 -16.93
N GLU D 55 -19.77 -20.10 -17.84
CA GLU D 55 -18.98 -19.01 -17.41
C GLU D 55 -19.85 -17.81 -17.31
N ASP D 56 -19.59 -16.98 -16.32
CA ASP D 56 -20.40 -15.80 -16.10
C ASP D 56 -20.29 -14.97 -17.34
N LEU D 57 -19.12 -15.00 -17.94
CA LEU D 57 -18.76 -14.36 -19.22
C LEU D 57 -18.78 -12.86 -19.23
N LYS D 58 -19.98 -12.32 -19.03
CA LYS D 58 -20.26 -10.90 -19.01
C LYS D 58 -19.64 -10.17 -17.84
N VAL D 59 -19.68 -10.81 -16.68
CA VAL D 59 -19.22 -10.26 -15.41
C VAL D 59 -17.73 -9.97 -15.22
N GLN D 60 -16.89 -10.48 -16.10
CA GLN D 60 -15.46 -10.31 -15.92
C GLN D 60 -15.00 -8.86 -15.91
N HIS D 61 -13.91 -8.61 -15.20
CA HIS D 61 -13.37 -7.27 -15.12
C HIS D 61 -12.89 -6.78 -16.49
N SER D 62 -12.98 -5.47 -16.66
CA SER D 62 -12.70 -4.83 -17.93
C SER D 62 -11.30 -5.09 -18.46
N SER D 63 -10.30 -5.05 -17.59
CA SER D 63 -8.93 -5.34 -17.96
C SER D 63 -8.70 -6.80 -18.38
N TYR D 64 -9.53 -7.68 -17.87
CA TYR D 64 -9.45 -9.11 -18.16
C TYR D 64 -10.47 -9.56 -19.19
N ARG D 65 -11.05 -8.56 -19.83
CA ARG D 65 -11.98 -8.76 -20.90
C ARG D 65 -11.06 -8.83 -22.08
N GLN D 66 -11.16 -9.93 -22.79
CA GLN D 66 -10.39 -10.12 -23.98
C GLN D 66 -9.05 -10.74 -23.85
N ARG D 67 -8.51 -10.82 -22.63
CA ARG D 67 -7.20 -11.39 -22.47
C ARG D 67 -7.11 -12.62 -21.56
N ALA D 68 -8.14 -12.88 -20.79
CA ALA D 68 -8.15 -13.99 -19.86
C ALA D 68 -9.13 -15.11 -20.17
N ARG D 69 -8.64 -16.33 -20.10
CA ARG D 69 -9.46 -17.50 -20.30
C ARG D 69 -8.99 -18.71 -19.49
N LEU D 70 -9.93 -19.58 -19.23
CA LEU D 70 -9.67 -20.80 -18.53
C LEU D 70 -9.47 -21.90 -19.57
N LEU D 71 -8.39 -22.66 -19.46
CA LEU D 71 -8.12 -23.72 -20.39
C LEU D 71 -8.94 -24.93 -19.98
N LYS D 72 -10.11 -25.07 -20.57
CA LYS D 72 -11.07 -26.09 -20.23
C LYS D 72 -10.63 -27.53 -20.40
N ASP D 73 -9.70 -27.74 -21.31
CA ASP D 73 -9.16 -29.04 -21.56
C ASP D 73 -8.45 -29.60 -20.30
N GLN D 74 -7.80 -28.73 -19.57
CA GLN D 74 -7.09 -29.08 -18.36
C GLN D 74 -7.97 -29.53 -17.16
N LEU D 75 -9.22 -29.12 -17.16
CA LEU D 75 -10.10 -29.35 -16.05
C LEU D 75 -10.34 -30.77 -15.64
N SER D 76 -10.57 -31.64 -16.60
CA SER D 76 -10.80 -33.04 -16.35
C SER D 76 -9.51 -33.73 -15.90
N LEU D 77 -8.40 -33.03 -16.05
CA LEU D 77 -7.09 -33.50 -15.62
C LEU D 77 -6.74 -32.94 -14.25
N GLY D 78 -7.72 -32.32 -13.60
CA GLY D 78 -7.53 -31.66 -12.34
C GLY D 78 -6.64 -30.42 -12.37
N ASN D 79 -6.67 -29.69 -13.46
CA ASN D 79 -5.87 -28.48 -13.58
C ASN D 79 -6.74 -27.29 -13.97
N ALA D 80 -6.74 -26.31 -13.09
CA ALA D 80 -7.43 -25.08 -13.31
C ALA D 80 -6.32 -24.17 -13.79
N ALA D 81 -6.27 -23.93 -15.09
CA ALA D 81 -5.25 -23.11 -15.70
C ALA D 81 -5.81 -21.84 -16.27
N LEU D 82 -5.34 -20.74 -15.74
CA LEU D 82 -5.77 -19.46 -16.20
C LEU D 82 -4.72 -18.97 -17.18
N GLN D 83 -5.15 -18.65 -18.39
CA GLN D 83 -4.27 -18.12 -19.39
C GLN D 83 -4.57 -16.69 -19.70
N ILE D 84 -3.52 -15.88 -19.65
CA ILE D 84 -3.59 -14.48 -19.93
C ILE D 84 -2.70 -14.19 -21.12
N THR D 85 -3.28 -13.61 -22.15
CA THR D 85 -2.54 -13.32 -23.34
C THR D 85 -2.15 -11.86 -23.38
N ASP D 86 -1.03 -11.57 -24.04
CA ASP D 86 -0.54 -10.20 -24.12
C ASP D 86 -0.42 -9.55 -22.76
N VAL D 87 0.46 -10.07 -21.92
CA VAL D 87 0.64 -9.61 -20.56
C VAL D 87 1.04 -8.15 -20.46
N LYS D 88 0.41 -7.47 -19.53
CA LYS D 88 0.60 -6.08 -19.24
C LYS D 88 1.14 -5.89 -17.83
N LEU D 89 1.63 -4.69 -17.56
CA LEU D 89 2.19 -4.28 -16.29
C LEU D 89 1.17 -4.34 -15.19
N GLN D 90 -0.06 -4.01 -15.54
CA GLN D 90 -1.17 -4.05 -14.62
C GLN D 90 -1.57 -5.46 -14.21
N ASP D 91 -1.06 -6.46 -14.90
CA ASP D 91 -1.30 -7.83 -14.59
C ASP D 91 -0.46 -8.29 -13.40
N ALA D 92 0.53 -7.53 -12.98
CA ALA D 92 1.35 -7.92 -11.85
C ALA D 92 0.57 -7.84 -10.56
N GLY D 93 0.75 -8.82 -9.70
CA GLY D 93 0.08 -8.87 -8.43
C GLY D 93 -0.13 -10.25 -7.91
N VAL D 94 -0.98 -10.36 -6.91
CA VAL D 94 -1.28 -11.64 -6.28
C VAL D 94 -2.60 -12.19 -6.78
N TYR D 95 -2.55 -13.33 -7.43
CA TYR D 95 -3.72 -14.00 -7.94
C TYR D 95 -4.21 -15.07 -6.98
N ARG D 96 -5.51 -15.30 -6.98
CA ARG D 96 -6.06 -16.35 -6.16
C ARG D 96 -6.96 -17.29 -6.97
N CYS D 97 -6.74 -18.57 -6.82
CA CYS D 97 -7.60 -19.53 -7.46
C CYS D 97 -8.46 -20.11 -6.36
N MET D 98 -9.76 -20.01 -6.50
CA MET D 98 -10.68 -20.55 -5.53
C MET D 98 -11.46 -21.66 -6.19
N ILE D 99 -11.33 -22.84 -5.62
CA ILE D 99 -11.96 -24.02 -6.14
C ILE D 99 -12.87 -24.78 -5.21
N SER D 100 -14.07 -25.06 -5.68
CA SER D 100 -15.01 -25.86 -4.96
C SER D 100 -15.33 -27.08 -5.79
N TYR D 101 -14.99 -28.24 -5.27
CA TYR D 101 -15.26 -29.52 -5.89
C TYR D 101 -15.38 -30.54 -4.78
N GLY D 102 -16.56 -30.69 -4.18
CA GLY D 102 -16.72 -31.60 -3.07
C GLY D 102 -15.74 -31.28 -1.98
N GLY D 103 -15.75 -30.02 -1.61
CA GLY D 103 -14.79 -29.45 -0.69
C GLY D 103 -14.32 -28.13 -1.29
N ALA D 104 -13.71 -27.27 -0.49
CA ALA D 104 -13.25 -25.99 -0.98
C ALA D 104 -11.91 -25.55 -0.44
N ASP D 105 -11.10 -24.93 -1.31
CA ASP D 105 -9.78 -24.45 -0.97
C ASP D 105 -9.37 -23.34 -1.96
N TYR D 106 -8.34 -22.59 -1.62
CA TYR D 106 -7.80 -21.57 -2.48
C TYR D 106 -6.31 -21.50 -2.31
N LYS D 107 -5.63 -20.99 -3.31
CA LYS D 107 -4.20 -20.79 -3.28
C LYS D 107 -3.82 -19.45 -3.88
N ARG D 108 -2.64 -18.99 -3.52
CA ARG D 108 -2.14 -17.73 -3.98
C ARG D 108 -0.94 -17.87 -4.90
N ILE D 109 -0.96 -17.12 -5.98
CA ILE D 109 0.14 -17.07 -6.91
C ILE D 109 0.62 -15.63 -7.12
N THR D 110 1.91 -15.39 -7.09
CA THR D 110 2.41 -14.06 -7.31
C THR D 110 2.99 -13.92 -8.70
N VAL D 111 2.59 -12.87 -9.37
CA VAL D 111 3.07 -12.59 -10.71
C VAL D 111 3.81 -11.28 -10.76
N LYS D 112 5.02 -11.37 -11.29
CA LYS D 112 5.88 -10.25 -11.50
C LYS D 112 6.02 -10.05 -12.99
N VAL D 113 5.83 -8.82 -13.45
CA VAL D 113 5.96 -8.49 -14.85
C VAL D 113 7.13 -7.57 -15.17
N ASN D 114 8.06 -8.07 -15.97
CA ASN D 114 9.19 -7.29 -16.45
C ASN D 114 8.74 -6.54 -17.68
N ALA D 115 9.21 -5.32 -17.87
CA ALA D 115 8.87 -4.57 -19.06
C ALA D 115 9.96 -3.64 -19.50
N PRO D 116 10.04 -3.41 -20.79
CA PRO D 116 11.00 -2.46 -21.34
C PRO D 116 10.51 -1.02 -21.07
N TYR D 117 11.39 -0.06 -21.27
CA TYR D 117 11.11 1.31 -20.97
C TYR D 117 9.90 1.88 -21.68
N ALA D 118 9.68 1.54 -22.92
CA ALA D 118 8.54 2.10 -23.61
C ALA D 118 7.23 1.72 -22.96
N ALA D 119 7.07 0.46 -22.63
CA ALA D 119 5.88 -0.05 -21.99
C ALA D 119 5.71 0.53 -20.61
N ALA D 120 6.80 0.62 -19.86
CA ALA D 120 6.77 1.20 -18.53
C ALA D 120 6.38 2.67 -18.55
N LEU D 121 6.89 3.40 -19.53
CA LEU D 121 6.57 4.80 -19.69
C LEU D 121 5.08 5.04 -19.95
N GLU D 122 4.51 4.25 -20.84
CA GLU D 122 3.09 4.34 -21.16
C GLU D 122 2.25 4.00 -19.92
N HIS D 123 2.60 2.93 -19.23
CA HIS D 123 1.89 2.53 -18.02
C HIS D 123 2.03 3.58 -16.93
N HIS D 124 3.22 4.11 -16.77
CA HIS D 124 3.51 5.10 -15.76
C HIS D 124 2.71 6.39 -15.89
N HIS D 125 2.59 6.89 -17.10
CA HIS D 125 1.84 8.10 -17.36
C HIS D 125 0.37 7.90 -17.72
N HIS D 126 0.03 6.79 -18.34
CA HIS D 126 -1.32 6.65 -18.83
C HIS D 126 -2.21 5.56 -18.29
N HIS D 127 -1.78 4.81 -17.30
CA HIS D 127 -2.62 3.78 -16.73
C HIS D 127 -3.40 4.24 -15.49
C1 EDO E . 11.32 -4.37 -7.94
O1 EDO E . 10.90 -4.52 -6.57
C2 EDO E . 10.17 -4.06 -8.91
O2 EDO E . 10.39 -3.09 -9.94
C02 JQT F . 7.40 16.39 -6.71
C03 JQT F . 6.87 17.72 -6.01
C04 JQT F . 5.58 18.17 -6.28
C05 JQT F . 5.06 19.30 -5.74
C06 JQT F . 5.75 20.07 -4.86
C07 JQT F . 7.00 19.63 -4.56
C08 JQT F . 7.54 18.48 -5.14
C09 JQT F . 7.78 20.46 -3.61
C11 JQT F . 8.06 22.80 -3.20
C12 JQT F . 7.70 24.15 -3.53
C13 JQT F . 8.21 25.16 -2.76
C14 JQT F . 9.06 24.95 -1.68
C15 JQT F . 9.41 23.59 -1.35
C16 JQT F . 8.90 22.54 -2.13
C18 JQT F . 10.94 22.14 -0.40
C19 JQT F . 11.96 22.10 0.76
C20 JQT F . 13.08 21.27 0.80
C21 JQT F . 13.98 21.35 1.85
C22 JQT F . 13.70 22.23 2.82
C23 JQT F . 12.64 23.06 2.82
C24 JQT F . 11.76 22.99 1.78
C25 JQT F . 15.12 20.58 2.04
C26 JQT F . 16.21 20.52 1.14
C27 JQT F . 17.30 19.74 1.41
C28 JQT F . 17.32 19.06 2.54
C29 JQT F . 16.28 19.10 3.48
C30 JQT F . 15.19 19.84 3.19
C32 JQT F . 18.54 17.77 4.11
C33 JQT F . 17.26 17.39 4.76
C35 JQT F . 13.38 20.27 -0.29
C36 JQT F . 6.80 24.52 -4.75
C38 JQT F . 7.64 26.17 -5.90
C39 JQT F . 8.52 26.10 -6.91
C40 JQT F . 8.80 24.61 -7.12
C41 JQT F . 7.59 24.29 -6.81
C42 JQT F . 7.34 22.81 -7.30
N01 JQT F . 7.72 15.45 -7.29
N37 JQT F . 7.55 24.78 -5.43
O10 JQT F . 7.55 21.79 -3.99
O17 JQT F . 10.23 23.31 -0.31
O31 JQT F . 18.37 18.29 2.89
O34 JQT F . 16.41 18.39 4.66
O43 JQT F . 7.86 26.53 -8.16
O44 JQT F . 6.28 22.32 -7.30
O45 JQT F . 8.22 22.16 -7.90
CL JQT F . 9.57 26.36 -0.82
C1 EDO G . -18.51 -16.22 -7.12
O1 EDO G . -18.92 -14.86 -7.21
C2 EDO G . -18.87 -16.99 -8.41
O2 EDO G . -18.62 -18.44 -8.37
C02 JQT H . -2.34 -19.95 0.36
C03 JQT H . -3.13 -20.53 1.60
C04 JQT H . -2.59 -20.61 2.89
C05 JQT H . -3.26 -21.12 3.95
C06 JQT H . -4.53 -21.53 3.76
C07 JQT H . -5.07 -21.47 2.51
C08 JQT H . -4.38 -20.96 1.45
C09 JQT H . -6.48 -21.94 2.28
C11 JQT H . -8.07 -23.33 3.46
C12 JQT H . -8.02 -24.52 4.20
C13 JQT H . -9.24 -25.12 4.42
C14 JQT H . -10.44 -24.64 3.91
C15 JQT H . -10.47 -23.47 3.15
C16 JQT H . -9.24 -22.81 2.97
C18 JQT H . -11.52 -22.15 1.54
C19 JQT H . -12.88 -21.89 0.91
C20 JQT H . -13.05 -21.55 -0.42
C21 JQT H . -14.34 -21.35 -0.97
C22 JQT H . -15.39 -21.49 -0.12
C23 JQT H . -15.21 -21.82 1.21
C24 JQT H . -13.95 -22.03 1.73
C25 JQT H . -14.64 -21.01 -2.27
C26 JQT H . -14.41 -21.86 -3.39
C27 JQT H . -14.78 -21.49 -4.69
C28 JQT H . -15.34 -20.30 -4.82
C29 JQT H . -15.56 -19.45 -3.71
C30 JQT H . -15.21 -19.81 -2.47
C32 JQT H . -16.48 -18.74 -6.19
C33 JQT H . -16.24 -17.71 -5.12
C35 JQT H . -11.86 -21.40 -1.29
C36 JQT H . -6.61 -24.99 4.75
C38 JQT H . -7.14 -27.00 4.17
C39 JQT H . -6.85 -27.19 2.94
C40 JQT H . -5.51 -26.54 2.59
C41 JQT H . -5.02 -26.36 3.77
C42 JQT H . -3.74 -25.38 3.68
N01 JQT H . -1.77 -19.53 -0.50
N37 JQT H . -6.23 -25.97 4.61
O10 JQT H . -6.83 -22.77 3.36
O17 JQT H . -11.68 -22.98 2.64
O31 JQT H . -15.70 -19.82 -6.03
O34 JQT H . -16.14 -18.22 -3.91
O43 JQT H . -6.71 -28.63 3.14
O44 JQT H . -3.37 -24.69 4.56
O45 JQT H . -2.95 -25.25 2.66
CL JQT H . -11.82 -25.58 4.28
#